data_3PE8
#
_entry.id   3PE8
#
_cell.length_a   87.410
_cell.length_b   87.410
_cell.length_c   185.190
_cell.angle_alpha   90.000
_cell.angle_beta   90.000
_cell.angle_gamma   120.000
#
_symmetry.space_group_name_H-M   'H 3 2'
#
loop_
_entity.id
_entity.type
_entity.pdbx_description
1 polymer 'Enoyl-CoA hydratase'
2 non-polymer 1,2-ETHANEDIOL
3 non-polymer 'ZINC ION'
4 water water
#
_entity_poly.entity_id   1
_entity_poly.type   'polypeptide(L)'
_entity_poly.pdbx_seq_one_letter_code
;GPGSMADSPVLLVDTTDRVRTLTLNRPQSRNALSAELRSTFFRALSDAQNDDDVDVVIVTGADPVFCAGLDLKELGDTTE
LPDISPKWPDMTKPVIGAINGAAVTGGLELALYCDILIASENAKFADTHARVGLMPTWGLSVRLPQKVGVGLARRMSLTG
DYLSAQDALRAGLVTEVVAHDDLLTAARRVAASIVGNNQKAVRALLDSYHRIDALQTGGALWAEAEAARQWMRSTSGDDI
AASRASVIERGRSQVR
;
_entity_poly.pdbx_strand_id   A
#
loop_
_chem_comp.id
_chem_comp.type
_chem_comp.name
_chem_comp.formula
EDO non-polymer 1,2-ETHANEDIOL 'C2 H6 O2'
ZN non-polymer 'ZINC ION' 'Zn 2'
#
# COMPACT_ATOMS: atom_id res chain seq x y z
N SER A 8 -0.05 22.31 -7.21
CA SER A 8 -0.16 21.09 -8.06
C SER A 8 -1.20 20.12 -7.51
N PRO A 9 -1.66 19.16 -8.34
CA PRO A 9 -2.66 18.24 -7.81
C PRO A 9 -2.05 17.35 -6.75
N VAL A 10 -2.89 16.91 -5.83
CA VAL A 10 -2.44 16.04 -4.76
C VAL A 10 -2.12 14.62 -5.24
N LEU A 11 -2.55 14.27 -6.46
CA LEU A 11 -2.31 12.93 -7.04
C LEU A 11 -1.96 13.08 -8.50
N LEU A 12 -0.78 12.65 -8.89
CA LEU A 12 -0.39 12.69 -10.31
C LEU A 12 -0.79 11.39 -10.97
N VAL A 13 -1.24 11.48 -12.23
CA VAL A 13 -1.72 10.31 -12.97
C VAL A 13 -1.05 10.28 -14.34
N ASP A 14 -0.47 9.12 -14.71
CA ASP A 14 0.13 8.90 -16.02
C ASP A 14 -0.38 7.55 -16.53
N THR A 15 -0.65 7.45 -17.81
CA THR A 15 -0.98 6.16 -18.44
C THR A 15 -0.08 5.97 -19.64
N THR A 16 0.75 4.92 -19.58
CA THR A 16 1.74 4.62 -20.63
C THR A 16 1.80 3.10 -20.79
N ASP A 17 1.63 2.60 -22.02
CA ASP A 17 1.75 1.18 -22.29
C ASP A 17 0.81 0.35 -21.43
N ARG A 18 -0.39 0.92 -21.25
CA ARG A 18 -1.50 0.28 -20.55
C ARG A 18 -1.29 0.16 -19.06
N VAL A 19 -0.32 0.93 -18.55
CA VAL A 19 -0.01 0.98 -17.13
C VAL A 19 -0.30 2.37 -16.59
N ARG A 20 -1.14 2.45 -15.55
CA ARG A 20 -1.48 3.74 -14.94
C ARG A 20 -0.69 3.88 -13.65
N THR A 21 0.14 4.92 -13.58
CA THR A 21 0.88 5.23 -12.39
C THR A 21 0.17 6.33 -11.62
N LEU A 22 -0.08 6.06 -10.34
CA LEU A 22 -0.73 7.01 -9.42
C LEU A 22 0.36 7.41 -8.43
N THR A 23 0.73 8.68 -8.46
CA THR A 23 1.82 9.19 -7.61
C THR A 23 1.23 10.09 -6.54
N LEU A 24 1.29 9.65 -5.27
CA LEU A 24 0.90 10.48 -4.13
C LEU A 24 1.76 11.74 -4.16
N ASN A 25 1.14 12.92 -4.14
CA ASN A 25 1.86 14.14 -4.46
C ASN A 25 1.62 15.28 -3.44
N ARG A 26 1.91 14.96 -2.17
CA ARG A 26 1.95 16.00 -1.15
C ARG A 26 3.29 15.88 -0.44
N PRO A 27 4.38 16.04 -1.19
CA PRO A 27 5.69 15.83 -0.53
C PRO A 27 5.98 16.82 0.58
N GLN A 28 5.42 18.02 0.49
CA GLN A 28 5.57 19.03 1.52
C GLN A 28 5.02 18.57 2.88
N SER A 29 4.16 17.54 2.86
CA SER A 29 3.53 16.93 4.03
C SER A 29 3.81 15.42 4.10
N ARG A 30 4.93 15.00 3.50
CA ARG A 30 5.35 13.58 3.52
C ARG A 30 4.29 12.65 2.92
N ASN A 31 3.57 13.15 1.92
CA ASN A 31 2.50 12.45 1.26
C ASN A 31 1.44 11.94 2.23
N ALA A 32 1.25 12.69 3.31
CA ALA A 32 0.22 12.34 4.31
C ALA A 32 -1.15 12.31 3.63
N LEU A 33 -1.97 11.36 4.07
CA LEU A 33 -3.28 11.12 3.49
C LEU A 33 -4.33 12.03 4.12
N SER A 34 -4.40 13.24 3.58
CA SER A 34 -5.45 14.19 3.89
C SER A 34 -6.76 13.62 3.37
N ALA A 35 -7.85 14.22 3.82
CA ALA A 35 -9.16 13.85 3.29
C ALA A 35 -9.21 13.95 1.79
N GLU A 36 -8.69 15.04 1.25
CA GLU A 36 -8.64 15.23 -0.20
C GLU A 36 -7.82 14.15 -0.92
N LEU A 37 -6.64 13.84 -0.40
CA LEU A 37 -5.81 12.83 -1.06
C LEU A 37 -6.46 11.46 -0.95
N ARG A 38 -7.05 11.14 0.20
CA ARG A 38 -7.74 9.84 0.33
C ARG A 38 -8.85 9.71 -0.71
N SER A 39 -9.71 10.73 -0.79
CA SER A 39 -10.83 10.74 -1.74
CA SER A 39 -10.82 10.62 -1.71
C SER A 39 -10.33 10.56 -3.16
N THR A 40 -9.33 11.36 -3.50
CA THR A 40 -8.79 11.39 -4.86
C THR A 40 -8.11 10.05 -5.21
N PHE A 41 -7.35 9.51 -4.27
CA PHE A 41 -6.62 8.25 -4.51
C PHE A 41 -7.58 7.08 -4.68
N PHE A 42 -8.52 6.95 -3.76
CA PHE A 42 -9.45 5.83 -3.81
C PHE A 42 -10.34 5.91 -5.05
N ARG A 43 -10.73 7.13 -5.45
CA ARG A 43 -11.45 7.32 -6.69
C ARG A 43 -10.61 6.95 -7.92
N ALA A 44 -9.33 7.30 -7.89
CA ALA A 44 -8.42 6.97 -8.99
C ALA A 44 -8.25 5.46 -9.18
N LEU A 45 -8.24 4.72 -8.07
CA LEU A 45 -8.19 3.25 -8.14
C LEU A 45 -9.43 2.70 -8.84
N SER A 46 -10.60 3.19 -8.45
CA SER A 46 -11.85 2.77 -9.04
C SER A 46 -11.90 3.15 -10.51
N ASP A 47 -11.42 4.34 -10.83
CA ASP A 47 -11.44 4.80 -12.21
C ASP A 47 -10.52 3.90 -13.06
N ALA A 48 -9.35 3.53 -12.51
CA ALA A 48 -8.42 2.65 -13.22
C ALA A 48 -9.08 1.28 -13.48
N GLN A 49 -9.79 0.76 -12.49
CA GLN A 49 -10.48 -0.51 -12.66
C GLN A 49 -11.49 -0.45 -13.79
N ASN A 50 -12.19 0.68 -13.90
CA ASN A 50 -13.25 0.86 -14.90
C ASN A 50 -12.78 1.28 -16.30
N ASP A 51 -11.50 1.64 -16.42
CA ASP A 51 -10.98 2.21 -17.64
C ASP A 51 -10.39 1.12 -18.50
N ASP A 52 -11.00 0.87 -19.66
CA ASP A 52 -10.55 -0.18 -20.55
C ASP A 52 -9.16 0.06 -21.15
N ASP A 53 -8.62 1.28 -21.03
CA ASP A 53 -7.26 1.60 -21.48
C ASP A 53 -6.17 1.16 -20.48
N VAL A 54 -6.58 0.63 -19.33
CA VAL A 54 -5.62 0.31 -18.24
C VAL A 54 -5.64 -1.18 -17.92
N ASP A 55 -4.47 -1.79 -17.90
CA ASP A 55 -4.35 -3.19 -17.45
C ASP A 55 -3.77 -3.34 -16.05
N VAL A 56 -2.87 -2.44 -15.67
CA VAL A 56 -2.05 -2.55 -14.45
C VAL A 56 -1.90 -1.17 -13.83
N VAL A 57 -1.93 -1.11 -12.50
CA VAL A 57 -1.70 0.13 -11.75
C VAL A 57 -0.37 0.05 -10.98
N ILE A 58 0.41 1.14 -11.01
CA ILE A 58 1.55 1.33 -10.10
C ILE A 58 1.20 2.45 -9.14
N VAL A 59 1.41 2.22 -7.86
CA VAL A 59 1.23 3.26 -6.85
C VAL A 59 2.61 3.63 -6.32
N THR A 60 2.92 4.94 -6.26
CA THR A 60 4.21 5.36 -5.72
C THR A 60 4.02 6.69 -5.07
N GLY A 61 5.07 7.20 -4.45
CA GLY A 61 5.03 8.53 -3.84
C GLY A 61 6.03 9.49 -4.44
N ALA A 62 5.70 10.78 -4.44
CA ALA A 62 6.68 11.81 -4.72
C ALA A 62 7.82 11.69 -3.71
N ASP A 63 9.06 11.80 -4.14
CA ASP A 63 10.18 11.62 -3.22
C ASP A 63 10.21 12.71 -2.12
N PRO A 64 10.84 12.40 -0.97
CA PRO A 64 11.60 11.18 -0.67
C PRO A 64 10.86 10.18 0.22
N VAL A 65 9.60 10.44 0.53
CA VAL A 65 8.81 9.59 1.43
C VAL A 65 7.75 8.91 0.58
N PHE A 66 7.42 7.63 0.84
CA PHE A 66 6.29 6.99 0.14
C PHE A 66 4.99 7.56 0.71
N CYS A 67 4.75 7.37 2.00
CA CYS A 67 3.54 7.87 2.68
C CYS A 67 3.73 7.77 4.18
N ALA A 68 3.64 8.92 4.87
CA ALA A 68 3.82 9.00 6.33
C ALA A 68 2.59 8.61 7.13
N GLY A 69 1.46 8.33 6.45
CA GLY A 69 0.22 7.92 7.12
C GLY A 69 -0.88 8.96 7.00
N LEU A 70 -1.91 8.82 7.83
CA LEU A 70 -3.03 9.75 7.82
C LEU A 70 -2.53 11.13 8.23
N ASP A 71 -3.12 12.17 7.65
CA ASP A 71 -2.77 13.55 8.02
C ASP A 71 -3.37 13.80 9.42
N LEU A 72 -2.53 13.74 10.44
CA LEU A 72 -2.98 13.83 11.83
C LEU A 72 -3.25 15.29 12.21
N LYS A 73 -2.50 16.20 11.58
CA LYS A 73 -2.71 17.65 11.74
C LYS A 73 -4.14 17.99 11.38
N GLU A 74 -4.55 17.56 10.20
CA GLU A 74 -5.91 17.75 9.72
C GLU A 74 -6.94 17.08 10.64
N LEU A 75 -6.68 15.82 11.01
CA LEU A 75 -7.60 15.04 11.85
C LEU A 75 -7.56 15.53 13.30
N SER A 85 -13.27 3.74 8.32
CA SER A 85 -13.56 2.49 7.64
C SER A 85 -12.62 2.35 6.47
N PRO A 86 -12.37 1.11 6.03
CA PRO A 86 -11.53 0.95 4.86
C PRO A 86 -12.22 1.43 3.58
N LYS A 87 -11.40 1.93 2.66
CA LYS A 87 -11.86 2.53 1.40
C LYS A 87 -11.25 1.89 0.14
N TRP A 88 -10.24 1.05 0.26
CA TRP A 88 -9.58 0.52 -0.92
C TRP A 88 -10.59 -0.36 -1.64
N PRO A 89 -10.86 -0.08 -2.93
CA PRO A 89 -11.96 -0.73 -3.66
C PRO A 89 -11.64 -2.14 -4.17
N ASP A 90 -12.68 -2.91 -4.48
CA ASP A 90 -12.49 -4.21 -5.11
CA ASP A 90 -12.49 -4.21 -5.11
C ASP A 90 -11.95 -3.99 -6.52
N MET A 91 -10.87 -4.68 -6.83
CA MET A 91 -10.18 -4.50 -8.11
C MET A 91 -9.81 -5.88 -8.62
N THR A 92 -9.83 -6.06 -9.94
CA THR A 92 -9.32 -7.27 -10.56
C THR A 92 -8.06 -7.00 -11.35
N LYS A 93 -7.69 -5.72 -11.52
CA LYS A 93 -6.44 -5.34 -12.19
C LYS A 93 -5.32 -5.26 -11.14
N PRO A 94 -4.13 -5.76 -11.46
CA PRO A 94 -3.07 -5.76 -10.48
C PRO A 94 -2.57 -4.38 -10.09
N VAL A 95 -2.25 -4.22 -8.81
CA VAL A 95 -1.69 -3.00 -8.24
C VAL A 95 -0.31 -3.29 -7.67
N ILE A 96 0.69 -2.64 -8.24
CA ILE A 96 2.10 -2.78 -7.86
C ILE A 96 2.45 -1.54 -7.04
N GLY A 97 2.91 -1.75 -5.81
CA GLY A 97 3.42 -0.64 -5.00
C GLY A 97 4.90 -0.49 -5.21
N ALA A 98 5.34 0.70 -5.66
CA ALA A 98 6.76 1.00 -5.84
C ALA A 98 7.13 1.90 -4.68
N ILE A 99 7.69 1.28 -3.65
CA ILE A 99 7.91 1.99 -2.37
C ILE A 99 9.24 2.72 -2.43
N ASN A 100 9.17 4.05 -2.52
CA ASN A 100 10.32 4.91 -2.80
C ASN A 100 11.02 5.46 -1.55
N GLY A 101 10.43 5.27 -0.39
CA GLY A 101 10.91 5.86 0.85
C GLY A 101 10.06 5.32 1.99
N ALA A 102 10.01 6.06 3.10
CA ALA A 102 9.30 5.60 4.28
C ALA A 102 7.81 5.39 4.01
N ALA A 103 7.31 4.27 4.53
CA ALA A 103 5.90 3.88 4.45
C ALA A 103 5.52 3.61 5.92
N VAL A 104 4.79 4.52 6.51
CA VAL A 104 4.57 4.56 7.96
C VAL A 104 3.11 4.55 8.30
N THR A 105 2.70 3.60 9.14
CA THR A 105 1.39 3.57 9.76
C THR A 105 0.31 3.46 8.70
N GLY A 106 -0.54 4.45 8.45
CA GLY A 106 -1.48 4.34 7.33
C GLY A 106 -0.81 4.15 5.99
N GLY A 107 0.39 4.70 5.82
CA GLY A 107 1.13 4.44 4.61
C GLY A 107 1.63 3.00 4.47
N LEU A 108 1.95 2.36 5.58
CA LEU A 108 2.28 0.94 5.57
C LEU A 108 1.02 0.14 5.24
N GLU A 109 -0.14 0.56 5.76
CA GLU A 109 -1.41 -0.09 5.39
C GLU A 109 -1.68 0.06 3.88
N LEU A 110 -1.39 1.23 3.31
CA LEU A 110 -1.51 1.37 1.83
C LEU A 110 -0.61 0.37 1.10
N ALA A 111 0.64 0.24 1.57
CA ALA A 111 1.56 -0.70 0.95
C ALA A 111 1.04 -2.12 1.05
N LEU A 112 0.50 -2.48 2.22
CA LEU A 112 -0.04 -3.81 2.50
C LEU A 112 -1.25 -4.17 1.62
N TYR A 113 -1.99 -3.19 1.13
CA TYR A 113 -3.08 -3.44 0.20
C TYR A 113 -2.62 -3.84 -1.20
N CYS A 114 -1.41 -3.43 -1.58
CA CYS A 114 -0.95 -3.72 -2.94
C CYS A 114 -0.79 -5.21 -3.19
N ASP A 115 -0.97 -5.65 -4.42
CA ASP A 115 -0.76 -7.04 -4.77
C ASP A 115 0.70 -7.44 -4.70
N ILE A 116 1.57 -6.56 -5.18
CA ILE A 116 3.01 -6.85 -5.38
C ILE A 116 3.78 -5.58 -4.96
N LEU A 117 4.79 -5.72 -4.15
CA LEU A 117 5.63 -4.58 -3.77
C LEU A 117 7.05 -4.74 -4.31
N ILE A 118 7.61 -3.64 -4.79
CA ILE A 118 9.01 -3.50 -5.12
C ILE A 118 9.51 -2.29 -4.34
N ALA A 119 10.72 -2.38 -3.78
CA ALA A 119 11.24 -1.32 -2.93
C ALA A 119 12.53 -0.74 -3.46
N SER A 120 12.66 0.57 -3.33
CA SER A 120 13.96 1.23 -3.37
C SER A 120 14.81 0.78 -2.18
N GLU A 121 16.14 0.86 -2.38
CA GLU A 121 17.10 0.66 -1.30
CA GLU A 121 17.08 0.65 -1.28
C GLU A 121 16.79 1.63 -0.13
N ASN A 122 16.15 2.75 -0.47
CA ASN A 122 15.72 3.79 0.49
C ASN A 122 14.40 3.55 1.18
N ALA A 123 13.68 2.53 0.76
CA ALA A 123 12.39 2.24 1.41
C ALA A 123 12.61 1.80 2.83
N LYS A 124 11.69 2.16 3.69
CA LYS A 124 11.65 1.61 5.06
C LYS A 124 10.23 1.60 5.51
N PHE A 125 9.93 0.76 6.49
CA PHE A 125 8.54 0.48 6.84
C PHE A 125 8.42 0.55 8.36
N ALA A 126 7.37 1.20 8.84
CA ALA A 126 7.13 1.29 10.29
C ALA A 126 5.68 1.40 10.64
N ASP A 127 5.35 0.91 11.84
CA ASP A 127 4.03 1.03 12.42
C ASP A 127 4.13 1.84 13.69
N THR A 128 3.62 3.07 13.67
CA THR A 128 3.64 3.90 14.85
C THR A 128 2.29 4.01 15.59
N HIS A 129 1.32 3.17 15.22
CA HIS A 129 -0.02 3.26 15.83
C HIS A 129 0.08 3.32 17.32
N ALA A 130 0.87 2.44 17.93
CA ALA A 130 0.91 2.39 19.39
C ALA A 130 1.50 3.68 19.94
N ARG A 131 2.60 4.13 19.33
CA ARG A 131 3.28 5.35 19.72
CA ARG A 131 3.29 5.37 19.64
C ARG A 131 2.34 6.57 19.73
N VAL A 132 1.47 6.70 18.73
CA VAL A 132 0.54 7.83 18.65
C VAL A 132 -0.80 7.53 19.31
N GLY A 133 -0.93 6.36 19.92
CA GLY A 133 -2.14 6.03 20.69
C GLY A 133 -3.37 5.80 19.86
N LEU A 134 -3.19 5.15 18.70
CA LEU A 134 -4.28 4.81 17.80
C LEU A 134 -4.27 3.30 17.55
N MET A 135 -5.45 2.74 17.28
CA MET A 135 -5.54 1.37 16.80
C MET A 135 -5.75 1.35 15.28
N PRO A 136 -5.19 0.33 14.58
CA PRO A 136 -5.31 0.27 13.12
C PRO A 136 -6.73 -0.11 12.67
N THR A 137 -7.20 0.50 11.58
CA THR A 137 -8.48 0.20 11.00
C THR A 137 -8.43 -0.11 9.52
N TRP A 138 -7.22 -0.09 8.93
CA TRP A 138 -7.06 -0.40 7.51
C TRP A 138 -6.24 -1.66 7.32
N GLY A 139 -6.39 -2.58 8.24
CA GLY A 139 -5.85 -3.92 8.10
C GLY A 139 -4.43 -4.20 8.55
N LEU A 140 -3.76 -3.22 9.15
CA LEU A 140 -2.38 -3.47 9.55
C LEU A 140 -2.26 -4.73 10.40
N SER A 141 -3.14 -4.92 11.38
CA SER A 141 -2.97 -6.01 12.35
C SER A 141 -3.28 -7.40 11.76
N VAL A 142 -3.90 -7.41 10.58
CA VAL A 142 -4.15 -8.63 9.84
C VAL A 142 -3.06 -8.86 8.78
N ARG A 143 -2.82 -7.83 7.97
CA ARG A 143 -1.92 -8.00 6.83
C ARG A 143 -0.44 -7.93 7.17
N LEU A 144 -0.05 -7.23 8.22
CA LEU A 144 1.39 -7.18 8.57
C LEU A 144 1.89 -8.56 8.98
N PRO A 145 1.22 -9.26 9.92
CA PRO A 145 1.71 -10.66 10.15
C PRO A 145 1.62 -11.56 8.93
N GLN A 146 0.59 -11.38 8.11
CA GLN A 146 0.42 -12.14 6.88
C GLN A 146 1.61 -12.00 5.93
N LYS A 147 2.15 -10.78 5.83
CA LYS A 147 3.16 -10.46 4.80
C LYS A 147 4.60 -10.33 5.28
N VAL A 148 4.83 -10.11 6.59
CA VAL A 148 6.18 -10.03 7.13
C VAL A 148 6.48 -11.09 8.19
N GLY A 149 5.47 -11.86 8.61
CA GLY A 149 5.58 -12.86 9.66
C GLY A 149 5.11 -12.37 11.02
N VAL A 150 4.68 -13.32 11.84
CA VAL A 150 4.06 -13.01 13.13
C VAL A 150 5.02 -12.25 14.07
N GLY A 151 6.19 -12.81 14.31
CA GLY A 151 7.11 -12.16 15.23
C GLY A 151 7.62 -10.82 14.80
N LEU A 152 7.94 -10.70 13.51
CA LEU A 152 8.41 -9.43 13.01
C LEU A 152 7.30 -8.39 13.02
N ALA A 153 6.06 -8.78 12.70
CA ALA A 153 4.95 -7.85 12.80
C ALA A 153 4.78 -7.33 14.23
N ARG A 154 4.85 -8.24 15.21
CA ARG A 154 4.74 -7.85 16.59
C ARG A 154 5.89 -6.95 16.99
N ARG A 155 7.11 -7.28 16.57
CA ARG A 155 8.25 -6.44 16.89
C ARG A 155 8.04 -5.04 16.29
N MET A 156 7.66 -4.95 15.01
CA MET A 156 7.40 -3.65 14.40
C MET A 156 6.36 -2.84 15.14
N SER A 157 5.22 -3.44 15.42
CA SER A 157 4.10 -2.72 16.03
C SER A 157 4.37 -2.27 17.45
N LEU A 158 5.12 -3.07 18.20
CA LEU A 158 5.33 -2.76 19.60
C LEU A 158 6.54 -1.82 19.82
N THR A 159 7.53 -1.87 18.92
CA THR A 159 8.70 -0.96 19.01
C THR A 159 8.49 0.35 18.29
N GLY A 160 7.78 0.32 17.17
CA GLY A 160 7.68 1.45 16.25
C GLY A 160 8.91 1.69 15.41
N ASP A 161 9.88 0.77 15.46
CA ASP A 161 11.15 0.93 14.76
C ASP A 161 10.98 0.67 13.26
N TYR A 162 11.89 1.25 12.47
CA TYR A 162 11.89 1.02 11.05
C TYR A 162 12.41 -0.36 10.69
N LEU A 163 11.79 -0.95 9.69
CA LEU A 163 12.24 -2.14 8.98
C LEU A 163 12.89 -1.66 7.67
N SER A 164 14.14 -2.04 7.45
CA SER A 164 14.85 -1.69 6.24
C SER A 164 14.34 -2.40 5.02
N ALA A 165 14.70 -1.88 3.86
CA ALA A 165 14.32 -2.53 2.60
C ALA A 165 14.90 -3.94 2.50
N GLN A 166 16.15 -4.14 2.90
CA GLN A 166 16.76 -5.46 2.81
C GLN A 166 16.08 -6.43 3.75
N ASP A 167 15.74 -5.97 4.95
CA ASP A 167 15.04 -6.84 5.89
C ASP A 167 13.63 -7.13 5.42
N ALA A 168 12.98 -6.16 4.74
CA ALA A 168 11.65 -6.36 4.15
C ALA A 168 11.70 -7.44 3.08
N LEU A 169 12.78 -7.44 2.28
CA LEU A 169 12.98 -8.48 1.25
C LEU A 169 13.18 -9.86 1.92
N ARG A 170 14.03 -9.94 2.93
CA ARG A 170 14.30 -11.21 3.66
C ARG A 170 13.00 -11.75 4.22
N ALA A 171 12.18 -10.87 4.77
CA ALA A 171 10.94 -11.29 5.42
C ALA A 171 9.80 -11.63 4.50
N GLY A 172 9.85 -11.20 3.24
CA GLY A 172 8.79 -11.44 2.26
C GLY A 172 7.78 -10.33 2.06
N LEU A 173 8.04 -9.19 2.68
CA LEU A 173 7.14 -8.06 2.53
C LEU A 173 7.22 -7.44 1.13
N VAL A 174 8.41 -7.47 0.53
CA VAL A 174 8.61 -6.99 -0.83
C VAL A 174 9.23 -8.10 -1.65
N THR A 175 9.01 -8.01 -2.96
CA THR A 175 9.52 -9.03 -3.89
C THR A 175 10.92 -8.76 -4.45
N GLU A 176 11.36 -7.51 -4.35
CA GLU A 176 12.55 -7.02 -5.02
C GLU A 176 12.97 -5.70 -4.41
N VAL A 177 14.28 -5.51 -4.29
CA VAL A 177 14.89 -4.26 -3.85
C VAL A 177 15.87 -3.84 -4.93
N VAL A 178 15.74 -2.57 -5.35
CA VAL A 178 16.56 -2.00 -6.43
C VAL A 178 17.12 -0.64 -6.02
N ALA A 179 18.15 -0.20 -6.73
CA ALA A 179 18.68 1.13 -6.52
C ALA A 179 17.56 2.15 -6.66
N HIS A 180 17.66 3.24 -5.92
CA HIS A 180 16.58 4.20 -5.94
C HIS A 180 16.23 4.69 -7.34
N ASP A 181 17.25 4.98 -8.14
CA ASP A 181 16.94 5.58 -9.45
CA ASP A 181 17.03 5.54 -9.49
C ASP A 181 16.42 4.54 -10.46
N ASP A 182 16.37 3.26 -10.07
CA ASP A 182 15.81 2.20 -10.87
C ASP A 182 14.43 1.73 -10.43
N LEU A 183 13.86 2.38 -9.40
CA LEU A 183 12.62 1.90 -8.80
C LEU A 183 11.47 1.84 -9.82
N LEU A 184 11.16 2.95 -10.47
CA LEU A 184 10.05 2.93 -11.43
C LEU A 184 10.41 2.15 -12.70
N THR A 185 11.68 2.14 -13.12
CA THR A 185 12.15 1.20 -14.14
C THR A 185 11.75 -0.23 -13.79
N ALA A 186 12.05 -0.67 -12.57
CA ALA A 186 11.73 -2.00 -12.16
C ALA A 186 10.26 -2.30 -12.11
N ALA A 187 9.49 -1.35 -11.59
CA ALA A 187 8.04 -1.51 -11.51
C ALA A 187 7.44 -1.62 -12.91
N ARG A 188 7.96 -0.82 -13.86
CA ARG A 188 7.50 -0.90 -15.26
C ARG A 188 7.83 -2.24 -15.91
N ARG A 189 8.96 -2.86 -15.54
CA ARG A 189 9.31 -4.18 -16.04
C ARG A 189 8.31 -5.21 -15.61
N VAL A 190 7.93 -5.21 -14.33
CA VAL A 190 6.95 -6.15 -13.83
C VAL A 190 5.60 -5.89 -14.46
N ALA A 191 5.20 -4.62 -14.56
CA ALA A 191 3.96 -4.28 -15.20
C ALA A 191 3.92 -4.75 -16.66
N ALA A 192 5.03 -4.57 -17.39
CA ALA A 192 5.08 -4.96 -18.79
C ALA A 192 4.94 -6.47 -18.97
N SER A 193 5.53 -7.24 -18.07
CA SER A 193 5.34 -8.70 -18.07
C SER A 193 3.88 -9.09 -17.91
N ILE A 194 3.17 -8.39 -17.04
CA ILE A 194 1.77 -8.66 -16.83
C ILE A 194 0.95 -8.29 -18.06
N VAL A 195 1.24 -7.12 -18.62
CA VAL A 195 0.56 -6.57 -19.82
C VAL A 195 0.69 -7.56 -20.99
N GLY A 196 1.83 -8.25 -21.09
CA GLY A 196 2.03 -9.27 -22.13
C GLY A 196 1.23 -10.56 -22.03
N ASN A 197 0.60 -10.78 -20.88
CA ASN A 197 -0.21 -11.97 -20.66
C ASN A 197 -1.67 -11.76 -21.11
N ASN A 198 -2.45 -12.82 -21.03
CA ASN A 198 -3.88 -12.82 -21.32
C ASN A 198 -4.59 -12.06 -20.24
N GLN A 199 -5.11 -10.87 -20.54
CA GLN A 199 -5.70 -10.02 -19.51
C GLN A 199 -7.00 -10.57 -18.90
N LYS A 200 -7.84 -11.24 -19.68
CA LYS A 200 -9.03 -11.91 -19.12
C LYS A 200 -8.60 -12.90 -18.02
N ALA A 201 -7.57 -13.69 -18.33
CA ALA A 201 -7.06 -14.68 -17.36
C ALA A 201 -6.36 -14.04 -16.15
N VAL A 202 -5.54 -13.00 -16.39
CA VAL A 202 -4.89 -12.22 -15.31
C VAL A 202 -5.97 -11.76 -14.30
N ARG A 203 -7.04 -11.16 -14.83
CA ARG A 203 -8.09 -10.62 -13.98
C ARG A 203 -8.87 -11.71 -13.27
N ALA A 204 -9.19 -12.79 -13.97
CA ALA A 204 -9.90 -13.91 -13.36
C ALA A 204 -9.06 -14.55 -12.23
N LEU A 205 -7.77 -14.72 -12.48
CA LEU A 205 -6.91 -15.33 -11.48
C LEU A 205 -6.72 -14.38 -10.30
N LEU A 206 -6.50 -13.09 -10.55
CA LEU A 206 -6.35 -12.13 -9.43
C LEU A 206 -7.65 -11.97 -8.61
N ASP A 207 -8.79 -11.95 -9.29
CA ASP A 207 -10.08 -11.93 -8.60
C ASP A 207 -10.18 -13.12 -7.67
N SER A 208 -9.75 -14.28 -8.16
CA SER A 208 -9.80 -15.46 -7.33
C SER A 208 -8.85 -15.38 -6.13
N TYR A 209 -7.61 -14.92 -6.34
CA TYR A 209 -6.71 -14.71 -5.22
C TYR A 209 -7.33 -13.75 -4.19
N HIS A 210 -7.98 -12.69 -4.66
CA HIS A 210 -8.61 -11.75 -3.76
C HIS A 210 -9.76 -12.37 -2.97
N ARG A 211 -10.59 -13.17 -3.64
CA ARG A 211 -11.67 -13.87 -2.97
C ARG A 211 -11.19 -14.87 -1.90
N ILE A 212 -10.14 -15.61 -2.23
CA ILE A 212 -9.53 -16.52 -1.27
C ILE A 212 -8.99 -15.74 -0.09
N ASP A 213 -8.29 -14.64 -0.35
CA ASP A 213 -7.76 -13.80 0.73
C ASP A 213 -8.88 -13.24 1.60
N ALA A 214 -9.95 -12.77 0.98
CA ALA A 214 -11.08 -12.22 1.74
C ALA A 214 -11.68 -13.28 2.64
N LEU A 215 -11.83 -14.49 2.12
CA LEU A 215 -12.37 -15.60 2.94
C LEU A 215 -11.49 -15.84 4.16
N GLN A 216 -10.18 -15.78 3.99
CA GLN A 216 -9.24 -16.14 5.05
C GLN A 216 -9.01 -15.01 6.04
N THR A 217 -9.28 -13.78 5.65
CA THR A 217 -8.95 -12.63 6.50
C THR A 217 -10.16 -11.90 7.11
N GLY A 218 -11.39 -12.19 6.68
CA GLY A 218 -12.52 -11.38 7.12
C GLY A 218 -12.77 -11.40 8.59
N GLY A 219 -12.69 -12.58 9.22
CA GLY A 219 -12.86 -12.69 10.68
C GLY A 219 -11.84 -11.84 11.41
N ALA A 220 -10.62 -11.90 10.90
CA ALA A 220 -9.57 -11.08 11.50
C ALA A 220 -9.81 -9.60 11.36
N LEU A 221 -10.27 -9.19 10.17
CA LEU A 221 -10.59 -7.79 9.92
C LEU A 221 -11.72 -7.29 10.83
N TRP A 222 -12.72 -8.14 11.08
CA TRP A 222 -13.76 -7.80 12.04
C TRP A 222 -13.19 -7.61 13.44
N ALA A 223 -12.33 -8.53 13.88
CA ALA A 223 -11.68 -8.42 15.16
C ALA A 223 -10.86 -7.14 15.31
N GLU A 224 -10.15 -6.76 14.25
CA GLU A 224 -9.37 -5.53 14.24
C GLU A 224 -10.35 -4.33 14.44
N ALA A 225 -11.46 -4.34 13.70
CA ALA A 225 -12.43 -3.25 13.75
C ALA A 225 -13.05 -3.16 15.15
N GLU A 226 -13.39 -4.31 15.70
CA GLU A 226 -13.93 -4.35 17.05
C GLU A 226 -12.94 -3.82 18.09
N ALA A 227 -11.67 -4.21 17.97
CA ALA A 227 -10.65 -3.71 18.91
C ALA A 227 -10.49 -2.18 18.79
N ALA A 228 -10.57 -1.65 17.57
CA ALA A 228 -10.48 -0.20 17.36
C ALA A 228 -11.68 0.52 18.02
N ARG A 229 -12.88 -0.02 17.83
CA ARG A 229 -14.06 0.57 18.43
C ARG A 229 -13.96 0.58 19.95
N GLN A 230 -13.46 -0.52 20.51
CA GLN A 230 -13.34 -0.64 21.97
C GLN A 230 -12.31 0.36 22.50
N TRP A 231 -11.23 0.56 21.74
CA TRP A 231 -10.21 1.59 22.06
C TRP A 231 -10.77 3.01 22.06
N MET A 232 -11.54 3.33 21.03
CA MET A 232 -12.12 4.68 20.90
C MET A 232 -13.06 4.97 22.06
N ARG A 233 -13.81 3.95 22.47
CA ARG A 233 -14.81 4.10 23.54
C ARG A 233 -14.14 4.21 24.90
N SER A 234 -13.14 3.35 25.14
CA SER A 234 -12.42 3.39 26.41
C SER A 234 -11.59 4.68 26.50
N THR A 235 -10.91 5.02 25.41
CA THR A 235 -10.08 6.24 25.35
C THR A 235 -10.97 7.48 25.19
C1 EDO B . 5.93 -13.69 4.24
O1 EDO B . 6.08 -14.95 3.58
C2 EDO B . 5.88 -13.89 5.75
O2 EDO B . 5.06 -15.00 6.15
ZN ZN C . -3.98 2.99 10.34
ZN ZN C . -4.24 4.16 11.63
#